data_8VMF
#
_entry.id   8VMF
#
_cell.length_a   82.251
_cell.length_b   82.251
_cell.length_c   280.354
_cell.angle_alpha   90.000
_cell.angle_beta   90.000
_cell.angle_gamma   120.000
#
_symmetry.space_group_name_H-M   'P 61 2 2'
#
loop_
_entity.id
_entity.type
_entity.pdbx_description
1 polymer 'Glycogen synthase kinase-3 beta'
2 polymer Axin-1
3 polymer 'Catenin beta-1'
4 non-polymer 'MAGNESIUM ION'
5 non-polymer 'ALUMINUM FLUORIDE'
6 non-polymer "ADENOSINE-5'-DIPHOSPHATE"
7 non-polymer GLYCEROL
8 non-polymer 'CHLORIDE ION'
9 water water
#
loop_
_entity_poly.entity_id
_entity_poly.type
_entity_poly.pdbx_seq_one_letter_code
_entity_poly.pdbx_strand_id
1 'polypeptide(L)'
;MKVSRDKDGSKVTTVVATPGQGPDRPQEVSYTDTKVIGNGSFGVVYQAKLCDSGELVAIKKVLQDKRFKNRELQIMRKLD
HCNIVRLRYFFYSSGEKKDEVYLNLVLDYVPETVYRVARHYSRAKQTLPVIYVKLYMYQLFRSLAYIHSFGICHRDIKPQ
NLLLDPDTAVLKLCDFGSAKQLVRGEPNVSYICSRYYRAPELIFGATDYTSSIDVWSAGCVLAELLLGQPIFPGDSGVDQ
LVEIIKVLGTPTREQIREMNPNYTEFKFPQIKAHPWTKVFRPRTPPEAIALCSRLLEYTPTARLTPLEACAHSFFDELRD
PNVKLPNGRDTPALFNFTTQELSSNPPLATILIPPHARHHHHHH
;
A
2 'polypeptide(L)' GGILVEPQKFAEELIHRLEAVQRT B
3 'polypeptide(L)' MIHSGATTTAPDLSGKGNPEEEDVDTSQ C
#
loop_
_chem_comp.id
_chem_comp.type
_chem_comp.name
_chem_comp.formula
ADP non-polymer ADENOSINE-5'-DIPHOSPHATE 'C10 H15 N5 O10 P2'
AF3 non-polymer 'ALUMINUM FLUORIDE' 'Al F3'
CL non-polymer 'CHLORIDE ION' 'Cl -1'
GOL non-polymer GLYCEROL 'C3 H8 O3'
MG non-polymer 'MAGNESIUM ION' 'Mg 2'
#
# COMPACT_ATOMS: atom_id res chain seq x y z
N LYS A 2 -18.27 -0.51 29.55
CA LYS A 2 -19.42 -1.20 30.14
C LYS A 2 -19.82 -2.41 29.29
N VAL A 3 -19.99 -3.56 29.94
CA VAL A 3 -20.41 -4.78 29.28
C VAL A 3 -21.68 -5.27 29.94
N SER A 4 -22.72 -5.48 29.14
CA SER A 4 -24.00 -5.96 29.64
C SER A 4 -24.54 -7.03 28.70
N ARG A 5 -25.38 -7.91 29.23
CA ARG A 5 -25.94 -9.00 28.45
C ARG A 5 -27.00 -8.47 27.47
N ASP A 6 -27.40 -9.34 26.55
CA ASP A 6 -28.41 -8.99 25.55
C ASP A 6 -29.81 -9.40 26.01
N SER A 10 -26.25 -12.92 23.35
CA SER A 10 -24.90 -12.47 23.02
C SER A 10 -24.43 -11.38 23.98
N LYS A 11 -23.11 -11.25 24.10
CA LYS A 11 -22.53 -10.18 24.91
C LYS A 11 -22.49 -8.89 24.11
N VAL A 12 -23.07 -7.83 24.66
CA VAL A 12 -23.13 -6.53 24.00
C VAL A 12 -22.15 -5.60 24.70
N THR A 13 -21.12 -5.17 23.98
CA THR A 13 -20.16 -4.20 24.49
C THR A 13 -20.62 -2.81 24.09
N THR A 14 -20.71 -1.92 25.08
CA THR A 14 -21.17 -0.55 24.87
C THR A 14 -20.05 0.40 25.23
N VAL A 15 -19.72 1.31 24.30
CA VAL A 15 -18.69 2.32 24.51
C VAL A 15 -19.17 3.64 23.93
N VAL A 16 -18.56 4.73 24.40
CA VAL A 16 -18.78 6.05 23.84
C VAL A 16 -17.62 6.34 22.90
N ALA A 17 -17.89 6.33 21.60
CA ALA A 17 -16.86 6.42 20.58
C ALA A 17 -17.05 7.66 19.73
N THR A 18 -15.92 8.17 19.18
CA THR A 18 -15.90 9.39 18.37
C THR A 18 -16.00 9.05 16.89
N PRO A 19 -16.94 9.63 16.15
CA PRO A 19 -17.01 9.38 14.72
C PRO A 19 -15.77 9.89 14.00
N GLY A 20 -15.41 9.22 12.91
CA GLY A 20 -14.20 9.57 12.19
C GLY A 20 -14.23 10.97 11.59
N GLN A 21 -15.34 11.33 10.97
CA GLN A 21 -15.46 12.63 10.33
C GLN A 21 -16.07 13.66 11.29
N GLY A 22 -16.12 14.91 10.84
CA GLY A 22 -16.71 15.98 11.60
C GLY A 22 -16.00 16.27 12.91
N PRO A 23 -16.45 17.30 13.62
CA PRO A 23 -15.89 17.59 14.94
C PRO A 23 -16.23 16.48 15.94
N ASP A 24 -15.48 16.47 17.05
CA ASP A 24 -15.61 15.43 18.06
C ASP A 24 -17.00 15.50 18.70
N ARG A 25 -17.85 14.54 18.36
CA ARG A 25 -19.19 14.41 18.95
C ARG A 25 -19.39 12.95 19.28
N PRO A 26 -18.80 12.47 20.38
CA PRO A 26 -18.91 11.06 20.75
C PRO A 26 -20.35 10.63 21.00
N GLN A 27 -20.66 9.40 20.62
CA GLN A 27 -21.97 8.81 20.81
C GLN A 27 -21.81 7.34 21.21
N GLU A 28 -22.82 6.83 21.90
CA GLU A 28 -22.78 5.45 22.33
C GLU A 28 -22.80 4.52 21.13
N VAL A 29 -21.95 3.50 21.18
CA VAL A 29 -21.86 2.50 20.12
C VAL A 29 -21.90 1.12 20.76
N SER A 30 -22.82 0.28 20.29
CA SER A 30 -22.98 -1.07 20.81
C SER A 30 -22.62 -2.08 19.73
N TYR A 31 -21.88 -3.12 20.12
CA TYR A 31 -21.49 -4.16 19.19
C TYR A 31 -21.38 -5.48 19.94
N THR A 32 -21.40 -6.57 19.18
CA THR A 32 -21.34 -7.91 19.74
C THR A 32 -20.61 -8.82 18.75
N ASP A 33 -20.61 -10.12 19.03
CA ASP A 33 -20.02 -11.13 18.15
C ASP A 33 -18.52 -10.89 17.96
N THR A 34 -17.84 -10.57 19.05
CA THR A 34 -16.42 -10.25 18.97
C THR A 34 -15.58 -11.50 18.73
N LYS A 35 -14.68 -11.42 17.76
CA LYS A 35 -13.77 -12.52 17.45
C LYS A 35 -12.50 -11.93 16.85
N VAL A 36 -11.39 -12.64 17.04
CA VAL A 36 -10.08 -12.20 16.57
C VAL A 36 -9.91 -12.63 15.12
N ILE A 37 -9.66 -11.68 14.22
N ILE A 37 -9.64 -11.67 14.25
CA ILE A 37 -9.70 -11.93 12.78
CA ILE A 37 -9.29 -11.92 12.86
C ILE A 37 -8.30 -11.91 12.16
C ILE A 37 -7.85 -11.50 12.56
N GLY A 38 -7.62 -10.77 12.23
N GLY A 38 -7.08 -11.19 13.60
CA GLY A 38 -6.37 -10.58 11.51
CA GLY A 38 -5.69 -10.80 13.41
C GLY A 38 -5.28 -10.04 12.40
C GLY A 38 -5.05 -10.52 14.75
N ASN A 39 -4.05 -10.38 12.04
N ASN A 39 -3.72 -10.55 14.76
CA ASN A 39 -2.87 -9.96 12.78
CA ASN A 39 -2.98 -10.30 15.99
C ASN A 39 -1.85 -9.38 11.81
C ASN A 39 -1.53 -10.05 15.64
N GLY A 40 -1.07 -8.42 12.29
N GLY A 40 -0.90 -9.12 16.34
CA GLY A 40 -0.02 -7.80 11.51
CA GLY A 40 0.49 -8.80 16.10
C GLY A 40 1.28 -7.78 12.29
C GLY A 40 1.04 -7.97 17.23
N SER A 41 2.03 -6.70 12.14
N SER A 41 2.33 -7.61 17.10
CA SER A 41 3.28 -6.52 12.86
CA SER A 41 2.98 -6.78 18.10
C SER A 41 3.15 -5.63 14.09
C SER A 41 2.39 -5.40 18.20
N PHE A 42 2.15 -4.75 14.12
N PHE A 42 1.75 -4.91 17.13
CA PHE A 42 1.94 -3.84 15.24
CA PHE A 42 1.08 -3.62 17.18
C PHE A 42 0.59 -4.06 15.92
C PHE A 42 -0.06 -3.64 18.19
N GLY A 43 -0.49 -4.13 15.15
N GLY A 43 -0.82 -4.73 18.22
CA GLY A 43 -1.81 -4.17 15.73
CA GLY A 43 -1.95 -4.86 19.12
C GLY A 43 -2.55 -5.49 15.58
C GLY A 43 -2.82 -6.04 18.74
N VAL A 44 -3.51 -5.72 16.47
N VAL A 44 -4.14 -5.85 18.74
CA VAL A 44 -4.38 -6.89 16.43
CA VAL A 44 -5.09 -6.89 18.37
C VAL A 44 -5.80 -6.40 16.17
C VAL A 44 -6.08 -6.32 17.38
N VAL A 45 -6.53 -7.13 15.32
N VAL A 45 -6.55 -7.17 16.48
CA VAL A 45 -7.83 -6.70 14.82
CA VAL A 45 -7.59 -6.81 15.51
C VAL A 45 -8.90 -7.67 15.29
C VAL A 45 -8.78 -7.72 15.75
N TYR A 46 -9.96 -7.12 15.88
CA TYR A 46 -11.18 -7.86 16.19
C TYR A 46 -12.22 -7.66 15.09
N GLN A 47 -13.12 -8.62 14.96
CA GLN A 47 -14.34 -8.42 14.20
C GLN A 47 -15.51 -8.23 15.16
N ALA A 48 -16.49 -7.44 14.73
CA ALA A 48 -17.65 -7.16 15.57
C ALA A 48 -18.86 -6.92 14.70
N LYS A 49 -20.03 -7.06 15.31
CA LYS A 49 -21.30 -6.74 14.67
C LYS A 49 -21.89 -5.55 15.40
N LEU A 50 -22.12 -4.46 14.67
CA LEU A 50 -22.78 -3.30 15.26
C LEU A 50 -24.22 -3.65 15.59
N CYS A 51 -24.63 -3.37 16.83
CA CYS A 51 -25.97 -3.76 17.27
C CYS A 51 -27.05 -3.03 16.48
N ASP A 52 -26.88 -1.73 16.25
CA ASP A 52 -27.88 -0.94 15.55
C ASP A 52 -28.04 -1.41 14.11
N SER A 53 -26.99 -1.26 13.31
CA SER A 53 -27.09 -1.54 11.88
C SER A 53 -26.91 -3.03 11.57
N GLY A 54 -26.19 -3.76 12.41
CA GLY A 54 -25.83 -5.13 12.11
C GLY A 54 -24.65 -5.27 11.19
N GLU A 55 -24.06 -4.16 10.74
CA GLU A 55 -22.94 -4.21 9.82
C GLU A 55 -21.68 -4.70 10.54
N LEU A 56 -20.91 -5.52 9.83
CA LEU A 56 -19.67 -6.03 10.38
C LEU A 56 -18.58 -4.96 10.33
N VAL A 57 -17.78 -4.89 11.39
CA VAL A 57 -16.69 -3.94 11.48
C VAL A 57 -15.45 -4.66 11.99
N ALA A 58 -14.29 -4.04 11.76
CA ALA A 58 -13.02 -4.47 12.31
C ALA A 58 -12.53 -3.45 13.31
N ILE A 59 -12.02 -3.92 14.44
CA ILE A 59 -11.55 -3.05 15.51
C ILE A 59 -10.07 -3.32 15.68
N LYS A 60 -9.23 -2.41 15.21
CA LYS A 60 -7.79 -2.48 15.41
C LYS A 60 -7.44 -1.82 16.73
N LYS A 61 -6.90 -2.61 17.67
CA LYS A 61 -6.57 -2.12 19.00
C LYS A 61 -5.06 -2.04 19.13
N VAL A 62 -4.56 -0.85 19.41
CA VAL A 62 -3.12 -0.59 19.49
C VAL A 62 -2.82 0.28 20.70
N LEU A 63 -1.55 0.28 21.09
CA LEU A 63 -1.05 1.10 22.20
C LEU A 63 -0.40 2.34 21.60
N GLN A 64 -1.22 3.37 21.35
CA GLN A 64 -0.73 4.59 20.71
C GLN A 64 -0.16 5.57 21.74
N ASP A 65 0.84 5.07 22.47
CA ASP A 65 1.71 5.91 23.28
C ASP A 65 3.07 5.20 23.34
N LYS A 66 3.95 5.57 22.42
CA LYS A 66 5.26 4.91 22.30
C LYS A 66 6.27 5.91 21.77
N ARG A 67 7.50 5.45 21.58
CA ARG A 67 8.56 6.30 21.06
C ARG A 67 8.25 6.76 19.63
N PHE A 68 7.74 5.86 18.80
CA PHE A 68 7.44 6.20 17.42
C PHE A 68 6.32 7.22 17.33
N LYS A 69 6.45 8.15 16.38
CA LYS A 69 5.37 9.10 16.12
C LYS A 69 4.15 8.34 15.61
N ASN A 70 3.04 8.45 16.34
CA ASN A 70 1.82 7.69 16.05
C ASN A 70 0.82 8.61 15.35
N ARG A 71 0.93 8.69 14.03
CA ARG A 71 0.08 9.54 13.21
C ARG A 71 -1.14 8.82 12.68
N GLU A 72 -1.36 7.55 13.05
CA GLU A 72 -2.35 6.74 12.36
C GLU A 72 -3.75 7.29 12.52
N LEU A 73 -4.12 7.65 13.75
CA LEU A 73 -5.47 8.17 13.99
C LEU A 73 -5.67 9.51 13.27
N GLN A 74 -4.70 10.42 13.36
CA GLN A 74 -4.89 11.73 12.77
C GLN A 74 -4.92 11.65 11.24
N ILE A 75 -4.14 10.76 10.63
CA ILE A 75 -4.15 10.63 9.18
C ILE A 75 -5.49 10.06 8.71
N MET A 76 -5.96 9.00 9.37
CA MET A 76 -7.19 8.35 8.94
C MET A 76 -8.40 9.27 9.07
N ARG A 77 -8.42 10.14 10.08
CA ARG A 77 -9.56 11.01 10.27
C ARG A 77 -9.75 11.97 9.10
N LYS A 78 -8.66 12.29 8.39
CA LYS A 78 -8.75 13.19 7.25
C LYS A 78 -9.12 12.48 5.96
N LEU A 79 -9.14 11.14 5.94
CA LEU A 79 -9.31 10.39 4.71
C LEU A 79 -10.77 10.03 4.50
N ASP A 80 -11.27 10.28 3.29
CA ASP A 80 -12.62 9.88 2.88
C ASP A 80 -12.57 9.58 1.39
N HIS A 81 -12.36 8.31 1.06
CA HIS A 81 -12.22 7.89 -0.32
C HIS A 81 -12.78 6.48 -0.46
N CYS A 82 -13.30 6.17 -1.66
CA CYS A 82 -13.97 4.90 -1.87
C CYS A 82 -12.99 3.73 -1.93
N ASN A 83 -11.71 3.99 -2.16
CA ASN A 83 -10.69 2.95 -2.19
C ASN A 83 -9.82 2.95 -0.95
N ILE A 84 -10.20 3.70 0.08
CA ILE A 84 -9.53 3.69 1.37
C ILE A 84 -10.53 3.23 2.42
N VAL A 85 -10.12 2.30 3.27
CA VAL A 85 -11.02 1.75 4.28
C VAL A 85 -11.46 2.87 5.22
N ARG A 86 -12.76 2.96 5.45
CA ARG A 86 -13.32 4.05 6.25
C ARG A 86 -13.15 3.79 7.74
N LEU A 87 -12.82 4.85 8.48
CA LEU A 87 -12.76 4.81 9.93
C LEU A 87 -14.12 5.26 10.46
N ARG A 88 -14.91 4.32 10.97
CA ARG A 88 -16.23 4.66 11.48
C ARG A 88 -16.13 5.44 12.79
N TYR A 89 -15.51 4.84 13.80
CA TYR A 89 -15.34 5.47 15.10
C TYR A 89 -13.98 5.11 15.67
N PHE A 90 -13.59 5.82 16.72
CA PHE A 90 -12.41 5.47 17.51
C PHE A 90 -12.70 5.76 18.98
N PHE A 91 -12.13 4.93 19.85
CA PHE A 91 -12.30 5.12 21.29
C PHE A 91 -11.07 4.58 22.01
N TYR A 92 -11.03 4.81 23.32
CA TYR A 92 -9.92 4.40 24.18
C TYR A 92 -10.42 3.45 25.26
N SER A 93 -9.57 2.51 25.64
CA SER A 93 -9.93 1.51 26.63
C SER A 93 -8.65 0.95 27.26
N SER A 94 -8.84 0.17 28.32
CA SER A 94 -7.72 -0.53 28.94
C SER A 94 -7.34 -1.74 28.11
N GLY A 95 -6.04 -1.98 27.99
CA GLY A 95 -5.51 -3.08 27.20
C GLY A 95 -5.03 -4.23 28.06
N GLU A 96 -4.31 -5.15 27.42
CA GLU A 96 -3.76 -6.31 28.13
C GLU A 96 -2.77 -5.87 29.20
N LYS A 97 -1.91 -4.91 28.87
CA LYS A 97 -0.97 -4.36 29.85
C LYS A 97 -1.73 -3.44 30.81
N LYS A 98 -1.65 -3.74 32.10
CA LYS A 98 -2.41 -2.99 33.09
C LYS A 98 -1.93 -1.54 33.16
N ASP A 99 -2.89 -0.63 33.36
CA ASP A 99 -2.64 0.81 33.52
C ASP A 99 -2.20 1.48 32.22
N GLU A 100 -2.41 0.84 31.08
CA GLU A 100 -1.99 1.37 29.80
C GLU A 100 -3.20 1.87 29.01
N VAL A 101 -2.92 2.73 28.03
CA VAL A 101 -3.96 3.34 27.21
C VAL A 101 -3.86 2.77 25.80
N TYR A 102 -4.92 2.11 25.35
CA TYR A 102 -4.99 1.49 24.04
C TYR A 102 -6.02 2.21 23.18
N LEU A 103 -5.64 2.55 21.96
CA LEU A 103 -6.53 3.17 21.00
C LEU A 103 -7.29 2.10 20.21
N ASN A 104 -8.58 2.32 20.00
CA ASN A 104 -9.43 1.40 19.27
C ASN A 104 -9.94 2.08 18.01
N LEU A 105 -9.67 1.47 16.86
CA LEU A 105 -10.09 2.00 15.56
C LEU A 105 -11.15 1.08 14.99
N VAL A 106 -12.34 1.63 14.75
CA VAL A 106 -13.45 0.88 14.20
C VAL A 106 -13.53 1.21 12.71
N LEU A 107 -13.23 0.23 11.87
CA LEU A 107 -13.19 0.40 10.43
C LEU A 107 -14.18 -0.54 9.77
N ASP A 108 -14.54 -0.22 8.53
CA ASP A 108 -15.36 -1.13 7.74
C ASP A 108 -14.64 -2.46 7.57
N TYR A 109 -15.37 -3.55 7.80
CA TYR A 109 -14.79 -4.88 7.67
C TYR A 109 -14.75 -5.30 6.20
N VAL A 110 -13.59 -5.78 5.75
CA VAL A 110 -13.43 -6.26 4.39
C VAL A 110 -12.90 -7.69 4.43
N PRO A 111 -13.56 -8.64 3.76
CA PRO A 111 -13.23 -10.06 3.99
C PRO A 111 -11.85 -10.49 3.50
N GLU A 112 -11.39 -10.01 2.35
CA GLU A 112 -10.22 -10.57 1.69
C GLU A 112 -9.12 -9.52 1.51
N THR A 113 -8.00 -9.95 0.95
CA THR A 113 -6.90 -9.08 0.57
C THR A 113 -6.36 -9.52 -0.79
N VAL A 114 -5.63 -8.61 -1.43
CA VAL A 114 -4.98 -8.95 -2.70
C VAL A 114 -4.01 -10.11 -2.51
N TYR A 115 -3.29 -10.12 -1.38
CA TYR A 115 -2.35 -11.19 -1.11
C TYR A 115 -3.05 -12.53 -1.00
N ARG A 116 -4.16 -12.59 -0.27
CA ARG A 116 -4.87 -13.85 -0.11
C ARG A 116 -5.44 -14.34 -1.43
N VAL A 117 -6.02 -13.44 -2.23
CA VAL A 117 -6.54 -13.83 -3.54
C VAL A 117 -5.41 -14.29 -4.44
N ALA A 118 -4.30 -13.56 -4.45
CA ALA A 118 -3.16 -13.93 -5.28
C ALA A 118 -2.57 -15.27 -4.86
N ARG A 119 -2.49 -15.52 -3.56
CA ARG A 119 -1.91 -16.78 -3.08
C ARG A 119 -2.73 -17.97 -3.52
N HIS A 120 -4.05 -17.81 -3.68
CA HIS A 120 -4.87 -18.91 -4.17
C HIS A 120 -4.46 -19.29 -5.59
N TYR A 121 -4.27 -18.30 -6.46
CA TYR A 121 -3.88 -18.58 -7.83
C TYR A 121 -2.48 -19.15 -7.90
N SER A 122 -1.59 -18.73 -7.01
CA SER A 122 -0.28 -19.35 -6.93
C SER A 122 -0.39 -20.82 -6.51
N ARG A 123 -1.21 -21.11 -5.49
CA ARG A 123 -1.39 -22.49 -5.06
C ARG A 123 -2.01 -23.35 -6.16
N ALA A 124 -3.01 -22.81 -6.86
CA ALA A 124 -3.68 -23.52 -7.93
C ALA A 124 -2.84 -23.58 -9.21
N LYS A 125 -1.70 -22.90 -9.24
CA LYS A 125 -0.81 -22.86 -10.40
C LYS A 125 -1.46 -22.14 -11.58
N GLN A 126 -2.54 -21.40 -11.35
CA GLN A 126 -3.16 -20.57 -12.37
C GLN A 126 -2.50 -19.19 -12.36
N THR A 127 -3.01 -18.30 -13.20
CA THR A 127 -2.56 -16.91 -13.24
C THR A 127 -3.77 -16.01 -13.01
N LEU A 128 -3.57 -14.97 -12.21
CA LEU A 128 -4.67 -14.04 -11.92
C LEU A 128 -5.12 -13.38 -13.22
N PRO A 129 -6.41 -13.46 -13.56
CA PRO A 129 -6.88 -12.86 -14.81
C PRO A 129 -6.58 -11.37 -14.87
N VAL A 130 -6.21 -10.91 -16.06
CA VAL A 130 -5.70 -9.54 -16.23
C VAL A 130 -6.77 -8.52 -15.88
N ILE A 131 -8.04 -8.88 -16.02
CA ILE A 131 -9.11 -7.95 -15.66
C ILE A 131 -9.04 -7.60 -14.18
N TYR A 132 -8.77 -8.60 -13.33
CA TYR A 132 -8.59 -8.32 -11.92
C TYR A 132 -7.31 -7.54 -11.66
N VAL A 133 -6.25 -7.81 -12.43
CA VAL A 133 -5.02 -7.04 -12.31
C VAL A 133 -5.29 -5.57 -12.62
N LYS A 134 -6.03 -5.31 -13.70
CA LYS A 134 -6.37 -3.94 -14.04
C LYS A 134 -7.25 -3.31 -12.97
N LEU A 135 -8.27 -4.04 -12.52
CA LEU A 135 -9.19 -3.50 -11.51
C LEU A 135 -8.46 -3.20 -10.21
N TYR A 136 -7.68 -4.16 -9.71
CA TYR A 136 -7.02 -3.97 -8.42
C TYR A 136 -5.95 -2.88 -8.50
N MET A 137 -5.12 -2.92 -9.55
CA MET A 137 -4.07 -1.92 -9.69
C MET A 137 -4.65 -0.52 -9.90
N TYR A 138 -5.73 -0.41 -10.66
CA TYR A 138 -6.33 0.89 -10.92
C TYR A 138 -6.85 1.53 -9.63
N GLN A 139 -7.54 0.73 -8.80
CA GLN A 139 -8.10 1.30 -7.57
C GLN A 139 -7.01 1.68 -6.58
N LEU A 140 -5.91 0.93 -6.54
CA LEU A 140 -4.79 1.30 -5.66
C LEU A 140 -4.21 2.65 -6.07
N PHE A 141 -4.03 2.87 -7.37
CA PHE A 141 -3.50 4.15 -7.84
C PHE A 141 -4.44 5.31 -7.54
N ARG A 142 -5.76 5.07 -7.60
CA ARG A 142 -6.70 6.11 -7.19
C ARG A 142 -6.53 6.46 -5.73
N SER A 143 -6.40 5.45 -4.86
CA SER A 143 -6.20 5.71 -3.44
C SER A 143 -4.88 6.45 -3.20
N LEU A 144 -3.83 6.05 -3.91
CA LEU A 144 -2.54 6.74 -3.76
C LEU A 144 -2.63 8.17 -4.26
N ALA A 145 -3.34 8.39 -5.37
CA ALA A 145 -3.54 9.74 -5.86
C ALA A 145 -4.26 10.61 -4.84
N TYR A 146 -5.23 10.02 -4.13
CA TYR A 146 -5.99 10.76 -3.14
C TYR A 146 -5.12 11.12 -1.93
N ILE A 147 -4.39 10.16 -1.38
CA ILE A 147 -3.58 10.44 -0.20
C ILE A 147 -2.42 11.35 -0.55
N HIS A 148 -1.80 11.12 -1.71
CA HIS A 148 -0.68 11.97 -2.13
C HIS A 148 -1.12 13.41 -2.34
N SER A 149 -2.36 13.63 -2.78
CA SER A 149 -2.86 14.98 -2.96
C SER A 149 -2.89 15.77 -1.65
N PHE A 150 -2.98 15.08 -0.52
CA PHE A 150 -2.86 15.71 0.79
C PHE A 150 -1.43 15.74 1.31
N GLY A 151 -0.46 15.28 0.51
CA GLY A 151 0.91 15.21 0.96
C GLY A 151 1.24 14.02 1.83
N ILE A 152 0.33 13.05 1.95
CA ILE A 152 0.52 11.91 2.82
C ILE A 152 1.12 10.76 2.02
N CYS A 153 2.08 10.07 2.62
CA CYS A 153 2.75 8.93 2.01
C CYS A 153 2.44 7.70 2.85
N HIS A 154 1.96 6.64 2.20
CA HIS A 154 1.56 5.44 2.93
C HIS A 154 2.75 4.74 3.56
N ARG A 155 3.82 4.54 2.78
CA ARG A 155 5.11 4.00 3.23
C ARG A 155 5.05 2.52 3.57
N ASP A 156 3.94 1.83 3.31
CA ASP A 156 3.84 0.39 3.57
C ASP A 156 3.00 -0.32 2.51
N ILE A 157 3.04 0.15 1.26
CA ILE A 157 2.22 -0.46 0.21
C ILE A 157 2.70 -1.88 -0.05
N LYS A 158 1.76 -2.82 -0.04
CA LYS A 158 2.05 -4.23 -0.29
C LYS A 158 0.71 -4.98 -0.34
N PRO A 159 0.71 -6.20 -0.89
CA PRO A 159 -0.56 -6.91 -1.11
C PRO A 159 -1.35 -7.18 0.16
N GLN A 160 -0.66 -7.40 1.29
CA GLN A 160 -1.38 -7.66 2.54
C GLN A 160 -2.17 -6.45 3.02
N ASN A 161 -1.84 -5.26 2.55
CA ASN A 161 -2.53 -4.03 2.95
C ASN A 161 -3.59 -3.60 1.96
N LEU A 162 -3.93 -4.45 1.00
CA LEU A 162 -4.93 -4.15 -0.02
C LEU A 162 -6.11 -5.09 0.22
N LEU A 163 -7.14 -4.57 0.89
CA LEU A 163 -8.32 -5.35 1.20
C LEU A 163 -9.22 -5.48 -0.02
N LEU A 164 -9.88 -6.63 -0.13
CA LEU A 164 -10.72 -6.94 -1.27
C LEU A 164 -12.11 -7.36 -0.83
N ASP A 165 -13.12 -6.89 -1.55
CA ASP A 165 -14.44 -7.49 -1.53
C ASP A 165 -14.60 -8.26 -2.83
N PRO A 166 -14.38 -9.57 -2.84
CA PRO A 166 -14.40 -10.31 -4.13
C PRO A 166 -15.73 -10.26 -4.85
N ASP A 167 -16.83 -10.04 -4.13
CA ASP A 167 -18.13 -9.90 -4.80
C ASP A 167 -18.18 -8.65 -5.66
N THR A 168 -17.80 -7.50 -5.09
CA THR A 168 -17.85 -6.24 -5.81
C THR A 168 -16.54 -5.88 -6.50
N ALA A 169 -15.45 -6.60 -6.22
CA ALA A 169 -14.14 -6.32 -6.79
C ALA A 169 -13.62 -4.94 -6.37
N VAL A 170 -14.08 -4.45 -5.23
CA VAL A 170 -13.68 -3.15 -4.71
C VAL A 170 -12.45 -3.34 -3.83
N LEU A 171 -11.42 -2.52 -4.08
CA LEU A 171 -10.20 -2.56 -3.31
C LEU A 171 -10.19 -1.43 -2.30
N LYS A 172 -9.75 -1.74 -1.08
CA LYS A 172 -9.66 -0.75 -0.01
C LYS A 172 -8.25 -0.78 0.56
N LEU A 173 -7.57 0.36 0.49
CA LEU A 173 -6.26 0.50 1.12
C LEU A 173 -6.43 0.68 2.62
N CYS A 174 -5.48 0.13 3.38
CA CYS A 174 -5.54 0.17 4.84
C CYS A 174 -4.12 0.21 5.39
N ASP A 175 -4.01 -0.01 6.71
CA ASP A 175 -2.73 -0.07 7.43
C ASP A 175 -1.94 1.23 7.26
N PHE A 176 -2.50 2.29 7.85
CA PHE A 176 -1.86 3.59 7.86
C PHE A 176 -0.98 3.81 9.08
N GLY A 177 -0.49 2.72 9.68
CA GLY A 177 0.40 2.83 10.82
C GLY A 177 1.82 3.25 10.49
N SER A 178 2.17 3.31 9.21
CA SER A 178 3.46 3.79 8.76
C SER A 178 3.37 5.06 7.93
N ALA A 179 2.18 5.55 7.64
CA ALA A 179 2.02 6.72 6.79
C ALA A 179 2.56 7.97 7.48
N LYS A 180 2.96 8.95 6.66
CA LYS A 180 3.47 10.20 7.20
C LYS A 180 3.22 11.32 6.19
N GLN A 181 2.93 12.51 6.71
CA GLN A 181 2.84 13.72 5.90
C GLN A 181 4.27 14.17 5.57
N LEU A 182 4.76 13.78 4.41
CA LEU A 182 6.14 14.09 4.06
C LEU A 182 6.32 15.58 3.81
N VAL A 183 7.34 16.15 4.43
CA VAL A 183 7.63 17.58 4.34
C VAL A 183 8.94 17.75 3.58
N ARG A 184 8.90 18.54 2.51
CA ARG A 184 10.08 18.75 1.67
C ARG A 184 11.15 19.48 2.47
N GLY A 185 12.23 18.78 2.79
CA GLY A 185 13.28 19.35 3.61
C GLY A 185 13.30 18.89 5.05
N GLU A 186 12.48 17.91 5.42
CA GLU A 186 12.52 17.31 6.75
C GLU A 186 12.88 15.84 6.61
N PRO A 187 13.95 15.37 7.26
CA PRO A 187 14.36 13.98 7.07
C PRO A 187 13.35 13.00 7.63
N ASN A 188 13.37 11.78 7.08
CA ASN A 188 12.43 10.74 7.45
C ASN A 188 13.18 9.43 7.69
N VAL A 189 12.54 8.53 8.43
CA VAL A 189 13.10 7.21 8.67
C VAL A 189 13.26 6.47 7.35
N SER A 190 14.38 5.74 7.21
CA SER A 190 14.71 5.03 5.99
CA SER A 190 14.72 5.03 6.00
C SER A 190 14.36 3.55 6.03
N TYR A 191 13.77 3.06 7.11
CA TYR A 191 13.42 1.66 7.27
C TYR A 191 11.91 1.48 7.31
N ILE A 192 11.20 2.17 6.41
CA ILE A 192 9.78 2.41 6.59
C ILE A 192 8.88 1.44 5.81
N CYS A 193 9.40 0.78 4.77
CA CYS A 193 8.58 -0.14 3.98
C CYS A 193 8.73 -1.56 4.52
N SER A 194 8.24 -2.53 3.76
CA SER A 194 8.33 -3.95 4.11
C SER A 194 9.24 -4.65 3.12
N ARG A 195 9.67 -5.87 3.50
CA ARG A 195 10.52 -6.67 2.64
C ARG A 195 9.85 -6.90 1.29
N TYR A 196 10.66 -6.86 0.23
CA TYR A 196 10.30 -7.05 -1.18
C TYR A 196 9.66 -5.81 -1.79
N TYR A 197 9.32 -4.78 -1.00
CA TYR A 197 8.56 -3.65 -1.53
C TYR A 197 9.22 -2.30 -1.21
N ARG A 198 10.45 -2.30 -0.71
CA ARG A 198 11.14 -1.05 -0.43
CA ARG A 198 11.14 -1.05 -0.43
C ARG A 198 11.79 -0.51 -1.70
N ALA A 199 11.57 0.76 -1.99
CA ALA A 199 12.20 1.38 -3.15
C ALA A 199 13.71 1.43 -2.95
N PRO A 200 14.47 1.45 -4.05
CA PRO A 200 15.94 1.46 -3.92
C PRO A 200 16.49 2.63 -3.12
N GLU A 201 15.85 3.80 -3.19
CA GLU A 201 16.32 4.92 -2.38
C GLU A 201 16.19 4.62 -0.89
N LEU A 202 15.13 3.91 -0.50
CA LEU A 202 14.99 3.46 0.88
C LEU A 202 16.08 2.44 1.25
N ILE A 203 16.38 1.52 0.34
CA ILE A 203 17.40 0.51 0.60
C ILE A 203 18.77 1.14 0.76
N PHE A 204 19.05 2.22 0.02
CA PHE A 204 20.30 2.96 0.15
C PHE A 204 20.33 3.89 1.36
N GLY A 205 19.36 3.77 2.27
CA GLY A 205 19.38 4.57 3.48
C GLY A 205 19.02 6.02 3.29
N ALA A 206 18.31 6.37 2.22
CA ALA A 206 17.91 7.75 2.00
C ALA A 206 16.90 8.18 3.06
N THR A 207 17.06 9.40 3.56
CA THR A 207 16.12 10.00 4.49
C THR A 207 15.33 11.15 3.89
N ASP A 208 15.57 11.47 2.61
CA ASP A 208 14.95 12.60 1.94
C ASP A 208 14.06 12.14 0.79
N TYR A 209 13.47 10.95 0.92
CA TYR A 209 12.64 10.41 -0.15
C TYR A 209 11.32 11.18 -0.22
N THR A 210 10.45 10.75 -1.14
CA THR A 210 9.17 11.39 -1.36
C THR A 210 8.05 10.36 -1.46
N SER A 211 6.86 10.80 -1.87
CA SER A 211 5.73 9.88 -2.00
C SER A 211 5.93 8.87 -3.13
N SER A 212 6.92 9.06 -3.99
CA SER A 212 7.16 8.14 -5.10
C SER A 212 7.58 6.75 -4.63
N ILE A 213 7.96 6.59 -3.37
CA ILE A 213 8.26 5.25 -2.86
C ILE A 213 7.00 4.39 -2.88
N ASP A 214 5.83 5.01 -2.70
CA ASP A 214 4.57 4.26 -2.84
C ASP A 214 4.41 3.75 -4.27
N VAL A 215 4.80 4.55 -5.25
CA VAL A 215 4.67 4.12 -6.64
C VAL A 215 5.56 2.91 -6.92
N TRP A 216 6.77 2.90 -6.35
CA TRP A 216 7.62 1.72 -6.50
C TRP A 216 6.97 0.49 -5.89
N SER A 217 6.38 0.63 -4.71
CA SER A 217 5.72 -0.51 -4.08
C SER A 217 4.55 -0.99 -4.92
N ALA A 218 3.82 -0.07 -5.56
CA ALA A 218 2.75 -0.46 -6.47
C ALA A 218 3.29 -1.26 -7.64
N GLY A 219 4.44 -0.84 -8.19
CA GLY A 219 5.06 -1.62 -9.25
C GLY A 219 5.47 -3.01 -8.80
N CYS A 220 5.95 -3.12 -7.55
CA CYS A 220 6.26 -4.44 -7.01
C CYS A 220 5.02 -5.30 -6.91
N VAL A 221 3.90 -4.71 -6.48
CA VAL A 221 2.64 -5.44 -6.43
C VAL A 221 2.21 -5.85 -7.83
N LEU A 222 2.32 -4.92 -8.79
CA LEU A 222 1.90 -5.22 -10.16
C LEU A 222 2.71 -6.37 -10.74
N ALA A 223 4.03 -6.32 -10.58
CA ALA A 223 4.87 -7.41 -11.05
C ALA A 223 4.54 -8.72 -10.34
N GLU A 224 4.29 -8.64 -9.03
CA GLU A 224 3.96 -9.83 -8.26
C GLU A 224 2.68 -10.48 -8.77
N LEU A 225 1.66 -9.68 -9.07
CA LEU A 225 0.44 -10.24 -9.64
C LEU A 225 0.70 -10.90 -10.99
N LEU A 226 1.48 -10.23 -11.85
CA LEU A 226 1.80 -10.80 -13.16
C LEU A 226 2.71 -12.03 -13.04
N LEU A 227 3.51 -12.09 -11.98
CA LEU A 227 4.55 -13.12 -11.86
C LEU A 227 4.10 -14.35 -11.09
N GLY A 228 3.23 -14.19 -10.09
CA GLY A 228 2.91 -15.28 -9.19
C GLY A 228 3.77 -15.36 -7.95
N GLN A 229 4.76 -14.49 -7.82
CA GLN A 229 5.60 -14.42 -6.64
C GLN A 229 6.27 -13.05 -6.60
N PRO A 230 6.82 -12.66 -5.46
CA PRO A 230 7.52 -11.38 -5.39
C PRO A 230 8.67 -11.31 -6.38
N ILE A 231 8.85 -10.13 -6.98
CA ILE A 231 9.87 -9.95 -8.00
C ILE A 231 11.25 -9.66 -7.40
N PHE A 232 11.31 -9.05 -6.23
CA PHE A 232 12.56 -8.67 -5.57
C PHE A 232 12.59 -9.24 -4.16
N PRO A 233 12.65 -10.57 -4.03
CA PRO A 233 12.76 -11.16 -2.69
C PRO A 233 14.15 -10.99 -2.09
N GLY A 234 14.33 -11.44 -0.86
CA GLY A 234 15.63 -11.31 -0.20
C GLY A 234 15.50 -10.85 1.23
N ASP A 235 16.24 -11.50 2.13
CA ASP A 235 16.15 -11.16 3.54
C ASP A 235 16.70 -9.76 3.82
N SER A 236 17.83 -9.42 3.23
CA SER A 236 18.54 -8.19 3.54
C SER A 236 18.37 -7.16 2.42
N GLY A 237 18.79 -5.93 2.71
CA GLY A 237 18.75 -4.88 1.70
C GLY A 237 19.67 -5.15 0.54
N VAL A 238 20.85 -5.71 0.81
CA VAL A 238 21.75 -6.09 -0.29
C VAL A 238 21.10 -7.15 -1.15
N ASP A 239 20.49 -8.16 -0.52
CA ASP A 239 19.81 -9.22 -1.26
C ASP A 239 18.77 -8.66 -2.20
N GLN A 240 17.86 -7.82 -1.68
CA GLN A 240 16.82 -7.23 -2.50
C GLN A 240 17.40 -6.31 -3.58
N LEU A 241 18.45 -5.55 -3.23
CA LEU A 241 19.08 -4.67 -4.20
C LEU A 241 19.72 -5.46 -5.33
N VAL A 242 20.30 -6.62 -5.01
CA VAL A 242 20.86 -7.49 -6.04
C VAL A 242 19.77 -7.98 -6.98
N GLU A 243 18.59 -8.31 -6.43
CA GLU A 243 17.47 -8.70 -7.28
C GLU A 243 17.07 -7.56 -8.21
N ILE A 244 17.03 -6.33 -7.70
CA ILE A 244 16.65 -5.19 -8.52
C ILE A 244 17.66 -4.96 -9.63
N ILE A 245 18.96 -4.96 -9.27
CA ILE A 245 20.00 -4.71 -10.27
C ILE A 245 20.01 -5.81 -11.31
N LYS A 246 19.71 -7.04 -10.90
CA LYS A 246 19.68 -8.15 -11.86
C LYS A 246 18.56 -8.00 -12.87
N VAL A 247 17.53 -7.21 -12.56
CA VAL A 247 16.45 -6.94 -13.51
C VAL A 247 16.69 -5.60 -14.20
N LEU A 248 16.82 -4.53 -13.41
CA LEU A 248 16.96 -3.18 -13.95
C LEU A 248 18.36 -2.89 -14.48
N GLY A 249 19.36 -3.70 -14.16
CA GLY A 249 20.73 -3.38 -14.47
C GLY A 249 21.32 -2.42 -13.46
N THR A 250 22.63 -2.28 -13.53
CA THR A 250 23.33 -1.42 -12.58
C THR A 250 22.88 0.02 -12.76
N PRO A 251 22.46 0.71 -11.70
CA PRO A 251 22.06 2.11 -11.85
C PRO A 251 23.25 2.99 -12.23
N THR A 252 22.95 4.02 -13.02
CA THR A 252 23.98 4.96 -13.42
C THR A 252 24.35 5.87 -12.25
N ARG A 253 25.44 6.62 -12.42
CA ARG A 253 25.87 7.55 -11.39
C ARG A 253 24.81 8.60 -11.12
N GLU A 254 24.20 9.13 -12.18
CA GLU A 254 23.10 10.09 -12.00
C GLU A 254 21.91 9.44 -11.31
N GLN A 255 21.59 8.20 -11.65
CA GLN A 255 20.49 7.51 -10.97
C GLN A 255 20.79 7.28 -9.51
N ILE A 256 22.04 6.92 -9.19
CA ILE A 256 22.44 6.76 -7.79
C ILE A 256 22.31 8.08 -7.04
N ARG A 257 22.75 9.17 -7.66
CA ARG A 257 22.65 10.48 -7.03
C ARG A 257 21.20 10.87 -6.78
N GLU A 258 20.28 10.44 -7.65
CA GLU A 258 18.86 10.71 -7.43
C GLU A 258 18.33 9.95 -6.21
N MET A 259 18.95 8.83 -5.86
CA MET A 259 18.49 8.04 -4.72
C MET A 259 19.20 8.44 -3.44
N ASN A 260 20.53 8.35 -3.43
CA ASN A 260 21.31 8.78 -2.27
C ASN A 260 22.69 9.21 -2.74
N PRO A 261 23.03 10.50 -2.62
CA PRO A 261 24.33 10.98 -3.13
C PRO A 261 25.53 10.37 -2.42
N ASN A 262 25.36 9.77 -1.25
CA ASN A 262 26.48 9.19 -0.52
C ASN A 262 27.13 8.01 -1.24
N TYR A 263 26.49 7.44 -2.26
CA TYR A 263 27.00 6.25 -2.93
C TYR A 263 27.51 6.53 -4.34
N THR A 264 27.63 7.80 -4.73
CA THR A 264 27.99 8.13 -6.11
C THR A 264 29.43 7.76 -6.46
N GLU A 265 30.30 7.60 -5.48
CA GLU A 265 31.73 7.43 -5.75
C GLU A 265 32.20 6.00 -5.56
N PHE A 266 31.30 5.03 -5.47
CA PHE A 266 31.66 3.64 -5.39
C PHE A 266 31.61 2.99 -6.76
N LYS A 267 32.48 1.99 -6.97
CA LYS A 267 32.64 1.34 -8.27
C LYS A 267 31.82 0.07 -8.30
N PHE A 268 30.53 0.22 -8.53
CA PHE A 268 29.66 -0.95 -8.61
C PHE A 268 29.83 -1.65 -9.95
N PRO A 269 29.98 -2.97 -9.97
CA PRO A 269 30.14 -3.69 -11.24
C PRO A 269 28.93 -3.46 -12.14
N GLN A 270 29.20 -3.31 -13.43
CA GLN A 270 28.13 -3.03 -14.40
C GLN A 270 27.46 -4.34 -14.80
N ILE A 271 26.20 -4.49 -14.42
CA ILE A 271 25.39 -5.66 -14.73
C ILE A 271 24.35 -5.28 -15.77
N LYS A 272 24.30 -6.03 -16.86
CA LYS A 272 23.36 -5.71 -17.93
C LYS A 272 21.92 -5.87 -17.47
N ALA A 273 21.05 -5.02 -18.01
CA ALA A 273 19.64 -5.09 -17.66
C ALA A 273 18.98 -6.29 -18.33
N HIS A 274 18.02 -6.90 -17.63
CA HIS A 274 17.24 -7.99 -18.19
C HIS A 274 15.98 -7.41 -18.81
N PRO A 275 15.69 -7.68 -20.08
CA PRO A 275 14.50 -7.09 -20.72
C PRO A 275 13.21 -7.46 -20.01
N TRP A 276 12.30 -6.49 -19.92
CA TRP A 276 11.06 -6.69 -19.19
C TRP A 276 10.24 -7.83 -19.77
N THR A 277 10.23 -7.95 -21.10
CA THR A 277 9.44 -8.98 -21.75
C THR A 277 9.93 -10.38 -21.38
N LYS A 278 11.21 -10.51 -21.03
CA LYS A 278 11.73 -11.79 -20.57
C LYS A 278 11.52 -12.01 -19.08
N VAL A 279 11.25 -10.96 -18.32
CA VAL A 279 10.98 -11.11 -16.89
C VAL A 279 9.67 -11.86 -16.68
N PHE A 280 8.62 -11.43 -17.37
CA PHE A 280 7.30 -12.02 -17.19
C PHE A 280 7.10 -13.16 -18.18
N ARG A 281 5.92 -13.80 -18.09
CA ARG A 281 5.60 -14.90 -18.99
C ARG A 281 5.31 -14.36 -20.40
N PRO A 282 5.42 -15.22 -21.42
CA PRO A 282 5.16 -14.76 -22.79
C PRO A 282 3.73 -14.28 -23.00
N ARG A 283 2.77 -14.77 -22.21
CA ARG A 283 1.38 -14.36 -22.35
C ARG A 283 1.10 -13.00 -21.73
N THR A 284 2.09 -12.36 -21.11
CA THR A 284 1.86 -11.10 -20.42
C THR A 284 1.48 -10.01 -21.41
N PRO A 285 0.45 -9.21 -21.12
CA PRO A 285 0.07 -8.12 -22.03
C PRO A 285 1.20 -7.12 -22.18
N PRO A 286 1.41 -6.60 -23.40
CA PRO A 286 2.47 -5.60 -23.58
C PRO A 286 2.27 -4.34 -22.75
N GLU A 287 1.02 -3.89 -22.59
CA GLU A 287 0.78 -2.64 -21.87
C GLU A 287 1.03 -2.81 -20.38
N ALA A 288 0.84 -4.01 -19.83
CA ALA A 288 1.22 -4.26 -18.45
C ALA A 288 2.73 -4.14 -18.27
N ILE A 289 3.50 -4.69 -19.21
CA ILE A 289 4.95 -4.54 -19.17
C ILE A 289 5.33 -3.07 -19.31
N ALA A 290 4.65 -2.35 -20.20
CA ALA A 290 4.93 -0.93 -20.38
C ALA A 290 4.67 -0.15 -19.10
N LEU A 291 3.54 -0.41 -18.45
CA LEU A 291 3.23 0.27 -17.21
C LEU A 291 4.24 -0.09 -16.12
N CYS A 292 4.65 -1.35 -16.08
CA CYS A 292 5.59 -1.79 -15.04
C CYS A 292 6.93 -1.07 -15.16
N SER A 293 7.42 -0.89 -16.38
CA SER A 293 8.71 -0.24 -16.56
C SER A 293 8.67 1.24 -16.15
N ARG A 294 7.52 1.88 -16.28
CA ARG A 294 7.38 3.27 -15.86
C ARG A 294 7.13 3.42 -14.36
N LEU A 295 6.95 2.31 -13.64
CA LEU A 295 6.77 2.33 -12.20
C LEU A 295 8.05 1.96 -11.46
N LEU A 296 8.72 0.89 -11.88
CA LEU A 296 9.96 0.45 -11.28
C LEU A 296 11.13 1.15 -11.98
N GLU A 297 11.34 2.41 -11.62
CA GLU A 297 12.41 3.24 -12.15
C GLU A 297 13.36 3.62 -11.03
N TYR A 298 14.66 3.63 -11.33
CA TYR A 298 15.65 4.00 -10.32
C TYR A 298 15.44 5.43 -9.84
N THR A 299 15.37 6.38 -10.76
CA THR A 299 15.21 7.78 -10.37
C THR A 299 13.79 8.04 -9.89
N PRO A 300 13.59 8.49 -8.66
CA PRO A 300 12.21 8.61 -8.13
C PRO A 300 11.33 9.54 -8.92
N THR A 301 11.87 10.61 -9.49
CA THR A 301 11.06 11.54 -10.26
C THR A 301 10.67 11.01 -11.63
N ALA A 302 11.31 9.92 -12.09
CA ALA A 302 10.95 9.34 -13.37
C ALA A 302 9.74 8.43 -13.28
N ARG A 303 9.45 7.89 -12.10
CA ARG A 303 8.29 7.04 -11.91
C ARG A 303 7.01 7.83 -12.17
N LEU A 304 6.01 7.14 -12.74
CA LEU A 304 4.72 7.77 -12.96
C LEU A 304 4.09 8.21 -11.64
N THR A 305 3.34 9.31 -11.70
CA THR A 305 2.49 9.67 -10.59
C THR A 305 1.30 8.71 -10.55
N PRO A 306 0.65 8.56 -9.40
CA PRO A 306 -0.54 7.70 -9.33
C PRO A 306 -1.64 8.12 -10.29
N LEU A 307 -1.86 9.43 -10.44
CA LEU A 307 -2.87 9.89 -11.38
C LEU A 307 -2.47 9.56 -12.82
N GLU A 308 -1.19 9.72 -13.15
CA GLU A 308 -0.72 9.36 -14.48
C GLU A 308 -0.90 7.86 -14.75
N ALA A 309 -0.69 7.03 -13.72
CA ALA A 309 -0.81 5.59 -13.90
C ALA A 309 -2.25 5.20 -14.27
N CYS A 310 -3.23 5.83 -13.64
CA CYS A 310 -4.64 5.52 -13.95
C CYS A 310 -4.97 5.83 -15.40
N ALA A 311 -4.28 6.80 -16.00
CA ALA A 311 -4.49 7.15 -17.40
C ALA A 311 -3.72 6.25 -18.36
N HIS A 312 -2.96 5.28 -17.84
CA HIS A 312 -2.18 4.40 -18.69
C HIS A 312 -3.09 3.54 -19.57
N SER A 313 -2.57 3.16 -20.74
CA SER A 313 -3.35 2.36 -21.67
C SER A 313 -3.67 0.97 -21.13
N PHE A 314 -2.92 0.50 -20.12
CA PHE A 314 -3.22 -0.81 -19.54
C PHE A 314 -4.60 -0.84 -18.90
N PHE A 315 -5.09 0.31 -18.45
CA PHE A 315 -6.40 0.42 -17.84
C PHE A 315 -7.48 0.85 -18.84
N ASP A 316 -7.18 0.80 -20.13
CA ASP A 316 -8.17 1.21 -21.13
C ASP A 316 -9.39 0.29 -21.11
N GLU A 317 -9.20 -0.98 -20.75
CA GLU A 317 -10.33 -1.91 -20.73
C GLU A 317 -11.36 -1.50 -19.69
N LEU A 318 -10.91 -1.00 -18.53
CA LEU A 318 -11.83 -0.57 -17.49
C LEU A 318 -12.69 0.61 -17.95
N ARG A 319 -12.16 1.46 -18.83
CA ARG A 319 -12.91 2.60 -19.33
C ARG A 319 -13.89 2.22 -20.43
N ASP A 320 -13.89 0.96 -20.86
CA ASP A 320 -14.85 0.50 -21.85
C ASP A 320 -16.26 0.57 -21.27
N PRO A 321 -17.23 1.13 -21.99
CA PRO A 321 -18.60 1.20 -21.46
C PRO A 321 -19.23 -0.17 -21.24
N ASN A 322 -18.87 -1.17 -22.04
CA ASN A 322 -19.47 -2.50 -21.97
C ASN A 322 -18.61 -3.49 -21.19
N VAL A 323 -17.75 -3.00 -20.30
CA VAL A 323 -16.91 -3.88 -19.49
C VAL A 323 -17.73 -4.41 -18.31
N LYS A 324 -17.63 -5.72 -18.06
CA LYS A 324 -18.36 -6.36 -16.98
C LYS A 324 -17.42 -7.30 -16.24
N LEU A 325 -17.77 -7.57 -14.97
CA LEU A 325 -17.00 -8.48 -14.15
C LEU A 325 -17.17 -9.92 -14.63
N PRO A 326 -16.23 -10.79 -14.27
CA PRO A 326 -16.39 -12.22 -14.63
C PRO A 326 -17.63 -12.86 -14.05
N ASN A 327 -18.10 -12.40 -12.87
CA ASN A 327 -19.29 -12.98 -12.27
C ASN A 327 -20.58 -12.38 -12.80
N GLY A 328 -20.51 -11.33 -13.61
CA GLY A 328 -21.68 -10.74 -14.24
C GLY A 328 -22.05 -9.37 -13.74
N ARG A 329 -21.57 -8.97 -12.57
CA ARG A 329 -21.91 -7.65 -12.04
C ARG A 329 -21.17 -6.56 -12.80
N ASP A 330 -21.74 -5.36 -12.78
CA ASP A 330 -21.07 -4.21 -13.34
C ASP A 330 -19.87 -3.83 -12.46
N THR A 331 -18.88 -3.19 -13.07
CA THR A 331 -17.66 -2.85 -12.36
C THR A 331 -17.93 -1.82 -11.28
N PRO A 332 -17.05 -1.72 -10.28
CA PRO A 332 -17.25 -0.75 -9.21
C PRO A 332 -17.12 0.69 -9.71
N ALA A 333 -17.28 1.65 -8.80
CA ALA A 333 -17.07 3.05 -9.17
C ALA A 333 -15.61 3.26 -9.56
N LEU A 334 -15.40 3.84 -10.74
CA LEU A 334 -14.04 4.05 -11.26
C LEU A 334 -13.79 5.44 -11.81
N PHE A 335 -14.82 6.22 -12.13
CA PHE A 335 -14.65 7.50 -12.79
C PHE A 335 -15.28 8.65 -12.00
N ASN A 336 -15.52 8.44 -10.71
CA ASN A 336 -16.11 9.49 -9.85
C ASN A 336 -15.00 10.31 -9.18
N PHE A 337 -14.17 10.91 -10.02
CA PHE A 337 -13.02 11.67 -9.54
C PHE A 337 -13.47 13.02 -9.00
N THR A 338 -12.94 13.39 -7.83
CA THR A 338 -13.14 14.72 -7.28
C THR A 338 -12.01 15.65 -7.74
N THR A 339 -12.28 16.95 -7.65
CA THR A 339 -11.25 17.93 -8.00
C THR A 339 -10.05 17.83 -7.08
N GLN A 340 -10.26 17.37 -5.85
CA GLN A 340 -9.15 17.21 -4.91
C GLN A 340 -8.15 16.18 -5.40
N GLU A 341 -8.63 14.99 -5.79
CA GLU A 341 -7.74 13.96 -6.29
C GLU A 341 -7.28 14.19 -7.72
N LEU A 342 -7.91 15.13 -8.44
CA LEU A 342 -7.46 15.54 -9.75
C LEU A 342 -6.57 16.77 -9.71
N SER A 343 -6.14 17.20 -8.52
CA SER A 343 -5.41 18.45 -8.38
C SER A 343 -4.07 18.40 -9.11
N SER A 344 -3.35 17.28 -9.01
CA SER A 344 -1.99 17.23 -9.56
C SER A 344 -1.98 17.40 -11.08
N ASN A 345 -3.04 16.98 -11.77
CA ASN A 345 -3.09 17.04 -13.23
C ASN A 345 -4.55 17.07 -13.68
N PRO A 346 -5.21 18.21 -13.55
CA PRO A 346 -6.62 18.33 -13.94
C PRO A 346 -6.88 17.95 -15.40
N PRO A 347 -5.98 18.30 -16.34
CA PRO A 347 -6.22 17.90 -17.75
C PRO A 347 -6.33 16.40 -17.96
N LEU A 348 -5.85 15.57 -17.04
CA LEU A 348 -5.98 14.12 -17.18
C LEU A 348 -7.42 13.65 -17.15
N ALA A 349 -8.36 14.48 -16.71
CA ALA A 349 -9.77 14.09 -16.68
C ALA A 349 -10.31 13.79 -18.07
N THR A 350 -9.67 14.31 -19.13
CA THR A 350 -10.07 13.96 -20.49
C THR A 350 -9.94 12.47 -20.73
N ILE A 351 -8.86 11.86 -20.23
CA ILE A 351 -8.66 10.43 -20.39
C ILE A 351 -9.26 9.64 -19.23
N LEU A 352 -9.15 10.18 -18.01
CA LEU A 352 -9.59 9.43 -16.83
C LEU A 352 -11.10 9.19 -16.83
N ILE A 353 -11.88 10.17 -17.27
CA ILE A 353 -13.33 10.07 -17.30
C ILE A 353 -13.76 9.81 -18.75
N PRO A 354 -14.16 8.59 -19.09
CA PRO A 354 -14.58 8.32 -20.46
C PRO A 354 -15.86 9.07 -20.78
N PRO A 355 -16.14 9.31 -22.06
CA PRO A 355 -17.28 10.16 -22.43
C PRO A 355 -18.61 9.60 -21.95
N HIS A 356 -18.75 8.28 -21.83
CA HIS A 356 -19.99 7.71 -21.36
C HIS A 356 -20.20 7.92 -19.87
N ALA A 357 -19.11 8.06 -19.11
CA ALA A 357 -19.21 8.16 -17.66
C ALA A 357 -19.79 9.49 -17.19
N ARG A 358 -19.89 10.49 -18.06
CA ARG A 358 -20.41 11.80 -17.70
C ARG A 358 -21.89 11.87 -18.06
N HIS A 359 -22.72 12.17 -17.07
CA HIS A 359 -24.17 12.21 -17.26
C HIS A 359 -24.73 13.61 -17.04
N VAL B 5 23.54 2.04 8.80
CA VAL B 5 24.01 1.44 7.55
C VAL B 5 25.04 2.35 6.89
N GLU B 6 26.30 2.19 7.29
CA GLU B 6 27.37 3.02 6.74
C GLU B 6 27.55 2.74 5.25
N PRO B 7 27.60 3.78 4.41
CA PRO B 7 27.73 3.54 2.96
C PRO B 7 28.97 2.77 2.57
N GLN B 8 30.09 2.96 3.27
CA GLN B 8 31.30 2.22 2.93
C GLN B 8 31.10 0.72 3.09
N LYS B 9 30.59 0.30 4.25
CA LYS B 9 30.37 -1.12 4.48
C LYS B 9 29.30 -1.68 3.53
N PHE B 10 28.23 -0.92 3.32
CA PHE B 10 27.14 -1.41 2.47
C PHE B 10 27.60 -1.56 1.03
N ALA B 11 28.37 -0.59 0.52
CA ALA B 11 28.83 -0.67 -0.86
C ALA B 11 29.78 -1.84 -1.07
N GLU B 12 30.62 -2.14 -0.07
CA GLU B 12 31.55 -3.25 -0.21
C GLU B 12 30.82 -4.58 -0.38
N GLU B 13 29.79 -4.79 0.44
CA GLU B 13 29.02 -6.02 0.34
C GLU B 13 28.31 -6.11 -1.01
N LEU B 14 27.74 -4.99 -1.47
CA LEU B 14 27.03 -4.98 -2.73
C LEU B 14 27.97 -5.26 -3.90
N ILE B 15 29.18 -4.68 -3.87
CA ILE B 15 30.15 -4.94 -4.93
C ILE B 15 30.56 -6.41 -4.93
N HIS B 16 30.82 -6.98 -3.75
CA HIS B 16 31.18 -8.38 -3.66
C HIS B 16 30.08 -9.28 -4.20
N ARG B 17 28.82 -8.92 -3.94
CA ARG B 17 27.71 -9.71 -4.46
C ARG B 17 27.58 -9.54 -5.97
N LEU B 18 27.68 -8.30 -6.47
CA LEU B 18 27.51 -8.06 -7.90
C LEU B 18 28.61 -8.70 -8.71
N GLU B 19 29.83 -8.74 -8.19
CA GLU B 19 30.94 -9.39 -8.90
C GLU B 19 30.67 -10.88 -9.08
N ALA B 20 30.09 -11.52 -8.06
CA ALA B 20 29.80 -12.95 -8.15
C ALA B 20 28.75 -13.24 -9.22
N VAL B 21 27.74 -12.38 -9.34
CA VAL B 21 26.69 -12.62 -10.32
C VAL B 21 27.04 -12.11 -11.71
N GLN B 22 28.06 -11.25 -11.81
CA GLN B 22 28.40 -10.64 -13.09
C GLN B 22 28.91 -11.68 -14.08
N ARG B 23 28.59 -11.47 -15.36
CA ARG B 23 29.02 -12.37 -16.42
C ARG B 23 30.54 -12.38 -16.58
N ALA C 10 6.92 0.96 11.58
CA ALA C 10 8.00 1.64 12.30
C ALA C 10 8.07 3.11 11.90
N PRO C 11 7.19 3.93 12.48
CA PRO C 11 7.16 5.36 12.14
C PRO C 11 8.44 6.10 12.54
N ASP C 12 8.52 7.37 12.17
CA ASP C 12 9.69 8.18 12.49
C ASP C 12 9.86 8.30 14.00
N LEU C 13 11.09 8.12 14.47
CA LEU C 13 11.37 8.25 15.89
C LEU C 13 11.15 9.68 16.37
N SER C 14 10.62 9.81 17.58
CA SER C 14 10.35 11.12 18.17
C SER C 14 11.64 11.91 18.39
MG MG D . -0.43 -5.32 7.28
MG MG E . 1.15 -1.01 10.88
AL AF3 F . 2.54 -4.61 8.89
F1 AF3 F . 3.33 -4.82 7.48
F2 AF3 F . 2.54 -3.14 9.60
F3 AF3 F . 2.08 -5.93 9.75
PB ADP G . -0.88 -4.11 10.74
O1B ADP G . -0.41 -5.19 9.79
O2B ADP G . -1.58 -4.63 11.97
O3B ADP G . 0.14 -3.04 11.02
PA ADP G . -3.53 -3.87 9.71
O1A ADP G . -4.26 -2.84 8.89
O2A ADP G . -4.11 -4.30 11.04
O3A ADP G . -2.03 -3.33 9.92
O5' ADP G . -3.40 -5.19 8.79
C5' ADP G . -3.07 -6.45 9.37
C4' ADP G . -4.02 -7.51 8.81
O4' ADP G . -5.31 -7.32 9.40
C3' ADP G . -4.18 -7.40 7.30
O3' ADP G . -3.46 -8.45 6.64
C2' ADP G . -5.68 -7.53 7.05
O2' ADP G . -5.94 -8.79 6.42
C1' ADP G . -6.35 -7.47 8.42
N9 ADP G . -7.24 -6.29 8.45
C8 ADP G . -6.86 -5.03 8.74
N7 ADP G . -7.91 -4.18 8.68
C5 ADP G . -9.00 -4.89 8.33
C6 ADP G . -10.43 -4.61 8.09
N6 ADP G . -10.92 -3.35 8.21
N1 ADP G . -11.22 -5.65 7.75
C2 ADP G . -10.74 -6.90 7.64
N3 ADP G . -9.46 -7.24 7.84
C4 ADP G . -8.55 -6.28 8.19
C1 GOL H . -12.24 -5.13 23.88
O1 GOL H . -12.60 -6.41 24.36
C2 GOL H . -12.39 -5.18 22.38
O2 GOL H . -13.59 -5.77 21.99
C3 GOL H . -12.33 -3.72 21.91
O3 GOL H . -11.22 -3.10 22.51
H11 GOL H . -12.81 -4.42 24.25
H12 GOL H . -11.33 -4.88 24.12
HO1 GOL H . -13.08 -6.77 23.75
H2 GOL H . -11.66 -5.69 22.00
HO2 GOL H . -14.24 -5.28 22.28
H31 GOL H . -12.31 -3.71 20.94
H32 GOL H . -13.18 -3.28 22.15
HO3 GOL H . -11.48 -2.64 23.17
C1 GOL I . 7.74 13.81 -14.78
O1 GOL I . 9.11 13.67 -14.99
C2 GOL I . 7.13 12.40 -14.64
O2 GOL I . 5.89 12.44 -14.04
C3 GOL I . 7.10 11.89 -16.08
O3 GOL I . 6.63 10.58 -16.03
H11 GOL I . 7.30 14.28 -15.50
H12 GOL I . 7.53 14.32 -13.97
HO1 GOL I . 9.23 13.71 -15.84
H2 GOL I . 7.67 11.82 -14.07
HO2 GOL I . 5.85 11.79 -13.49
H31 GOL I . 8.00 11.96 -16.46
H32 GOL I . 6.56 12.48 -16.62
HO3 GOL I . 7.10 10.18 -15.43
C1 GOL J . 10.87 -13.42 -10.58
O1 GOL J . 11.16 -14.22 -9.44
C2 GOL J . 12.02 -13.64 -11.58
O2 GOL J . 11.57 -14.20 -12.79
C3 GOL J . 12.58 -12.22 -11.79
O3 GOL J . 13.17 -11.78 -10.59
H11 GOL J . 10.80 -12.49 -10.36
H12 GOL J . 10.03 -13.67 -11.00
HO1 GOL J . 11.90 -13.93 -9.12
H2 GOL J . 12.68 -14.25 -11.23
HO2 GOL J . 11.10 -13.60 -13.20
H31 GOL J . 11.85 -11.64 -12.09
H32 GOL J . 13.20 -12.25 -12.53
HO3 GOL J . 13.42 -12.49 -10.16
CL CL K . -25.75 -6.54 32.61
#